data_3L9Y
#
_entry.id   3L9Y
#
_cell.length_a   111.493
_cell.length_b   111.493
_cell.length_c   39.886
_cell.angle_alpha   90.00
_cell.angle_beta   90.00
_cell.angle_gamma   120.00
#
_symmetry.space_group_name_H-M   'P 64'
#
loop_
_entity.id
_entity.type
_entity.pdbx_description
1 polymer 'Superoxide dismutase [Cu-Zn]'
2 non-polymer 'ZINC ION'
3 non-polymer 'COPPER (II) ION'
4 water water
#
_entity_poly.entity_id   1
_entity_poly.type   'polypeptide(L)'
_entity_poly.pdbx_seq_one_letter_code
;MPAKAVCVLRGDVSGTVFFDQQDEKSPVVVSGEVQGLTKGKHGFHVHEFGDNTNGCTSAGAHFNPEKQDHGGPSSAVRHV
GDLGNIEAIEDAGVTKVSIQDSQISLHGPNSIIGRTLVVHADPDDLGLGGNELSKTTGNAGGRIACGVIGLAKI
;
_entity_poly.pdbx_strand_id   A,B
#
loop_
_chem_comp.id
_chem_comp.type
_chem_comp.name
_chem_comp.formula
CU non-polymer 'COPPER (II) ION' 'Cu 2'
ZN non-polymer 'ZINC ION' 'Zn 2'
#
# COMPACT_ATOMS: atom_id res chain seq x y z
N PRO A 2 -18.50 -0.80 7.57
CA PRO A 2 -17.89 0.36 6.92
C PRO A 2 -16.41 0.11 6.71
N ALA A 3 -15.79 0.85 5.80
CA ALA A 3 -14.38 0.63 5.46
C ALA A 3 -13.56 1.91 5.52
N LYS A 4 -12.29 1.77 5.89
CA LYS A 4 -11.36 2.89 5.88
C LYS A 4 -10.02 2.50 5.25
N ALA A 5 -9.43 3.44 4.51
CA ALA A 5 -8.10 3.25 3.94
C ALA A 5 -7.29 4.52 4.13
N VAL A 6 -5.98 4.44 3.91
CA VAL A 6 -5.14 5.61 4.10
C VAL A 6 -3.96 5.58 3.15
N CYS A 7 -3.50 6.76 2.75
CA CYS A 7 -2.31 6.87 1.94
C CYS A 7 -1.37 7.91 2.55
N VAL A 8 -0.13 7.53 2.78
CA VAL A 8 0.85 8.48 3.22
C VAL A 8 1.75 8.81 2.05
N LEU A 9 1.73 10.07 1.63
CA LEU A 9 2.48 10.51 0.46
C LEU A 9 3.98 10.58 0.69
N ARG A 10 4.72 10.15 -0.32
CA ARG A 10 6.17 10.19 -0.30
C ARG A 10 6.68 10.87 -1.55
N GLY A 11 7.51 11.89 -1.39
CA GLY A 11 8.05 12.62 -2.51
C GLY A 11 8.36 14.04 -2.12
N ASP A 12 8.09 14.99 -3.02
CA ASP A 12 8.41 16.40 -2.81
C ASP A 12 7.43 17.07 -1.85
N VAL A 13 6.28 16.43 -1.67
CA VAL A 13 5.30 16.88 -0.71
C VAL A 13 4.92 15.68 0.14
N SER A 14 4.36 15.96 1.30
CA SER A 14 3.98 14.93 2.24
C SER A 14 2.52 15.09 2.56
N GLY A 15 1.98 14.19 3.36
CA GLY A 15 0.61 14.30 3.77
C GLY A 15 -0.03 12.95 4.01
N THR A 16 -1.13 12.96 4.74
CA THR A 16 -1.87 11.75 5.01
C THR A 16 -3.27 11.94 4.48
N VAL A 17 -3.69 11.04 3.61
CA VAL A 17 -5.02 11.10 3.01
C VAL A 17 -5.83 9.88 3.42
N PHE A 18 -6.99 10.11 4.05
CA PHE A 18 -7.86 9.02 4.47
C PHE A 18 -8.99 8.81 3.46
N PHE A 19 -9.44 7.57 3.36
CA PHE A 19 -10.58 7.22 2.53
C PHE A 19 -11.62 6.55 3.40
N ASP A 20 -12.82 7.11 3.45
CA ASP A 20 -13.88 6.52 4.26
C ASP A 20 -15.08 6.13 3.39
N GLN A 21 -15.59 4.92 3.59
CA GLN A 21 -16.75 4.45 2.85
C GLN A 21 -17.71 3.71 3.80
N GLN A 22 -18.94 4.23 3.90
CA GLN A 22 -19.90 3.72 4.88
C GLN A 22 -20.51 2.39 4.45
N ASP A 23 -20.88 2.30 3.18
CA ASP A 23 -21.44 1.09 2.62
C ASP A 23 -20.90 0.83 1.21
N GLU A 24 -20.92 -0.43 0.79
CA GLU A 24 -20.45 -0.79 -0.55
C GLU A 24 -21.11 0.05 -1.65
N LYS A 25 -22.33 0.50 -1.39
CA LYS A 25 -23.08 1.30 -2.37
C LYS A 25 -22.77 2.79 -2.32
N SER A 26 -22.28 3.28 -1.18
CA SER A 26 -22.08 4.71 -1.01
C SER A 26 -20.77 5.18 -1.60
N PRO A 27 -20.66 6.49 -1.83
CA PRO A 27 -19.42 7.05 -2.36
C PRO A 27 -18.29 6.98 -1.34
N VAL A 28 -17.07 7.26 -1.79
CA VAL A 28 -15.94 7.32 -0.90
C VAL A 28 -15.63 8.79 -0.57
N VAL A 29 -15.49 9.08 0.72
CA VAL A 29 -15.08 10.40 1.17
C VAL A 29 -13.57 10.41 1.38
N VAL A 30 -12.90 11.36 0.75
CA VAL A 30 -11.43 11.42 0.77
C VAL A 30 -10.96 12.68 1.48
N SER A 31 -10.31 12.51 2.63
CA SER A 31 -9.96 13.65 3.45
C SER A 31 -8.52 13.59 3.93
N GLY A 32 -8.04 14.69 4.49
CA GLY A 32 -6.70 14.73 5.04
C GLY A 32 -6.04 16.04 4.66
N GLU A 33 -4.74 16.00 4.45
CA GLU A 33 -4.01 17.21 4.20
C GLU A 33 -2.69 16.92 3.53
N VAL A 34 -2.27 17.82 2.64
CA VAL A 34 -1.01 17.71 1.95
C VAL A 34 -0.18 18.94 2.27
N GLN A 35 1.12 18.74 2.48
CA GLN A 35 2.01 19.85 2.83
C GLN A 35 3.13 20.08 1.83
N GLY A 36 3.46 21.34 1.61
CA GLY A 36 4.60 21.72 0.76
C GLY A 36 4.29 21.79 -0.71
N LEU A 37 3.01 21.88 -1.07
CA LEU A 37 2.64 22.04 -2.47
C LEU A 37 2.96 23.46 -2.94
N THR A 38 3.38 23.58 -4.19
CA THR A 38 3.55 24.90 -4.78
C THR A 38 2.15 25.51 -4.93
N LYS A 39 2.03 26.83 -4.81
CA LYS A 39 0.73 27.48 -4.98
C LYS A 39 0.16 27.11 -6.35
N GLY A 40 -1.13 26.82 -6.40
CA GLY A 40 -1.76 26.45 -7.67
C GLY A 40 -2.41 25.08 -7.66
N LYS A 41 -2.95 24.70 -8.82
CA LYS A 41 -3.65 23.41 -8.96
C LYS A 41 -2.69 22.25 -9.23
N HIS A 42 -2.96 21.11 -8.60
CA HIS A 42 -2.13 19.92 -8.78
C HIS A 42 -2.98 18.69 -9.07
N GLY A 43 -2.70 18.02 -10.19
CA GLY A 43 -3.44 16.81 -10.55
C GLY A 43 -3.37 15.77 -9.44
N PHE A 44 -4.43 14.97 -9.30
CA PHE A 44 -4.63 14.14 -8.12
C PHE A 44 -5.40 12.91 -8.61
N HIS A 45 -4.71 11.78 -8.74
CA HIS A 45 -5.36 10.58 -9.27
C HIS A 45 -4.95 9.31 -8.54
N VAL A 46 -5.83 8.32 -8.60
CA VAL A 46 -5.46 6.96 -8.26
C VAL A 46 -4.93 6.28 -9.51
N HIS A 47 -3.69 5.78 -9.42
CA HIS A 47 -3.07 5.02 -10.51
C HIS A 47 -3.18 3.52 -10.24
N GLU A 48 -2.95 2.71 -11.27
CA GLU A 48 -3.38 1.32 -11.23
C GLU A 48 -2.63 0.45 -10.23
N PHE A 49 -1.31 0.59 -10.18
CA PHE A 49 -0.47 -0.31 -9.40
C PHE A 49 0.12 0.29 -8.13
N GLY A 50 0.08 -0.49 -7.05
CA GLY A 50 0.66 -0.06 -5.78
C GLY A 50 2.13 -0.44 -5.77
N ASP A 51 2.83 -0.08 -6.84
CA ASP A 51 4.20 -0.50 -7.07
C ASP A 51 5.12 0.72 -7.06
N ASN A 52 5.97 0.85 -6.05
CA ASN A 52 6.93 1.95 -6.03
C ASN A 52 8.39 1.51 -6.11
N THR A 53 8.62 0.40 -6.80
CA THR A 53 9.97 -0.07 -7.08
C THR A 53 10.72 0.95 -7.93
N ASN A 54 10.00 1.73 -8.72
CA ASN A 54 10.61 2.78 -9.53
C ASN A 54 9.96 4.12 -9.20
N GLY A 55 9.92 4.46 -7.93
CA GLY A 55 9.22 5.66 -7.47
C GLY A 55 7.80 5.68 -7.96
N CYS A 56 7.28 6.86 -8.25
CA CYS A 56 5.90 6.97 -8.70
C CYS A 56 5.70 6.44 -10.13
N THR A 57 6.79 6.26 -10.85
CA THR A 57 6.70 5.79 -12.24
C THR A 57 6.05 4.42 -12.38
N SER A 58 6.36 3.51 -11.45
CA SER A 58 5.86 2.14 -11.53
C SER A 58 4.40 2.00 -11.11
N ALA A 59 3.79 3.10 -10.68
CA ALA A 59 2.35 3.11 -10.38
C ALA A 59 1.53 2.87 -11.65
N GLY A 60 2.18 3.01 -12.80
CA GLY A 60 1.47 2.81 -14.07
C GLY A 60 0.55 3.97 -14.40
N ALA A 61 -0.48 3.69 -15.19
CA ALA A 61 -1.42 4.71 -15.67
C ALA A 61 -2.54 4.96 -14.67
N HIS A 62 -3.44 5.91 -14.98
CA HIS A 62 -4.60 6.13 -14.10
C HIS A 62 -5.45 4.87 -13.99
N PHE A 63 -5.99 4.61 -12.81
CA PHE A 63 -6.83 3.43 -12.62
C PHE A 63 -8.05 3.52 -13.53
N ASN A 64 -8.24 2.51 -14.37
CA ASN A 64 -9.17 2.63 -15.50
C ASN A 64 -9.90 1.31 -15.79
N PRO A 65 -10.57 0.75 -14.80
CA PRO A 65 -11.28 -0.52 -14.97
C PRO A 65 -12.43 -0.43 -15.98
N GLU A 66 -12.95 0.77 -16.21
CA GLU A 66 -14.07 0.95 -17.15
C GLU A 66 -13.62 1.33 -18.57
N LYS A 67 -12.30 1.35 -18.78
CA LYS A 67 -11.73 1.56 -20.11
C LYS A 67 -12.20 2.84 -20.81
N GLN A 68 -11.96 3.98 -20.18
CA GLN A 68 -12.37 5.29 -20.72
C GLN A 68 -11.15 6.15 -20.95
N ASP A 69 -11.35 7.32 -21.58
CA ASP A 69 -10.30 8.33 -21.71
C ASP A 69 -10.25 9.17 -20.45
N HIS A 70 -9.22 9.99 -20.32
CA HIS A 70 -9.04 10.81 -19.12
C HIS A 70 -10.05 11.96 -19.03
N GLY A 71 -10.53 12.25 -17.83
CA GLY A 71 -11.35 13.45 -17.59
C GLY A 71 -11.21 14.00 -16.18
N GLY A 72 -12.05 14.95 -15.84
CA GLY A 72 -12.13 15.41 -14.45
C GLY A 72 -13.12 14.48 -13.75
N PRO A 73 -13.23 14.59 -12.41
CA PRO A 73 -14.12 13.72 -11.66
C PRO A 73 -15.60 13.93 -12.08
N SER A 74 -15.90 15.12 -12.59
CA SER A 74 -17.26 15.40 -13.04
C SER A 74 -17.47 15.16 -14.54
N SER A 75 -16.40 14.80 -15.27
CA SER A 75 -16.53 14.50 -16.72
C SER A 75 -17.37 13.25 -17.00
N ALA A 76 -18.16 13.32 -18.08
CA ALA A 76 -18.94 12.16 -18.48
C ALA A 76 -18.04 11.02 -18.91
N VAL A 77 -16.87 11.40 -19.41
CA VAL A 77 -15.84 10.44 -19.79
C VAL A 77 -14.64 10.66 -18.88
N ARG A 78 -14.29 9.64 -18.11
CA ARG A 78 -13.17 9.75 -17.17
C ARG A 78 -12.69 8.38 -16.75
N HIS A 79 -11.48 8.35 -16.19
CA HIS A 79 -10.95 7.17 -15.53
C HIS A 79 -11.55 7.08 -14.12
N VAL A 80 -11.75 5.87 -13.62
CA VAL A 80 -12.22 5.74 -12.27
C VAL A 80 -11.28 6.48 -11.33
N GLY A 81 -9.99 6.47 -11.64
CA GLY A 81 -9.00 7.08 -10.74
C GLY A 81 -8.91 8.59 -10.81
N ASP A 82 -9.75 9.22 -11.61
CA ASP A 82 -9.68 10.65 -11.83
C ASP A 82 -10.33 11.51 -10.73
N LEU A 83 -9.50 12.07 -9.84
CA LEU A 83 -9.96 12.87 -8.72
C LEU A 83 -9.68 14.36 -8.89
N GLY A 84 -9.31 14.76 -10.10
CA GLY A 84 -9.20 16.18 -10.46
C GLY A 84 -7.96 16.88 -9.95
N ASN A 85 -8.14 18.06 -9.35
CA ASN A 85 -7.03 18.81 -8.80
C ASN A 85 -7.18 18.98 -7.30
N ILE A 86 -6.07 19.01 -6.58
CA ILE A 86 -6.08 19.62 -5.25
C ILE A 86 -5.33 20.93 -5.37
N GLU A 87 -5.79 21.95 -4.66
CA GLU A 87 -5.24 23.28 -4.88
C GLU A 87 -4.66 23.90 -3.62
N ALA A 88 -3.40 24.31 -3.72
CA ALA A 88 -2.74 25.07 -2.67
C ALA A 88 -3.06 26.54 -2.92
N ILE A 89 -3.64 27.20 -1.93
CA ILE A 89 -3.97 28.62 -2.03
C ILE A 89 -2.73 29.49 -1.83
N GLU A 90 -1.69 28.91 -1.27
CA GLU A 90 -0.43 29.63 -1.06
C GLU A 90 0.76 28.71 -1.26
N ASP A 91 1.95 29.29 -1.37
CA ASP A 91 3.17 28.48 -1.43
C ASP A 91 3.47 27.97 -0.03
N ALA A 92 3.93 26.71 0.05
CA ALA A 92 4.45 26.15 1.29
C ALA A 92 3.45 26.12 2.44
N GLY A 93 2.18 25.91 2.11
CA GLY A 93 1.15 25.88 3.12
C GLY A 93 0.64 24.47 3.31
N VAL A 94 -0.54 24.36 3.91
CA VAL A 94 -1.17 23.07 4.04
C VAL A 94 -2.48 23.08 3.26
N THR A 95 -2.54 22.25 2.22
CA THR A 95 -3.73 22.09 1.39
C THR A 95 -4.66 21.07 2.00
N LYS A 96 -5.90 21.46 2.25
CA LYS A 96 -6.90 20.51 2.72
C LYS A 96 -7.30 19.64 1.56
N VAL A 97 -7.49 18.36 1.82
CA VAL A 97 -8.09 17.44 0.86
C VAL A 97 -9.47 17.12 1.38
N SER A 98 -10.48 17.34 0.55
CA SER A 98 -11.84 17.10 0.97
C SER A 98 -12.67 16.77 -0.25
N ILE A 99 -12.69 15.50 -0.63
CA ILE A 99 -13.31 15.03 -1.86
C ILE A 99 -14.31 13.90 -1.58
N GLN A 100 -15.36 13.82 -2.40
CA GLN A 100 -16.25 12.67 -2.41
C GLN A 100 -16.41 12.17 -3.85
N ASP A 101 -16.32 10.86 -4.04
CA ASP A 101 -16.41 10.31 -5.38
C ASP A 101 -17.14 8.99 -5.40
N SER A 102 -18.01 8.80 -6.40
CA SER A 102 -18.86 7.61 -6.48
C SER A 102 -18.27 6.51 -7.32
N GLN A 103 -17.25 6.83 -8.11
CA GLN A 103 -16.62 5.88 -9.01
C GLN A 103 -15.65 4.95 -8.26
N ILE A 104 -14.69 5.55 -7.58
CA ILE A 104 -13.80 4.75 -6.74
C ILE A 104 -14.59 4.02 -5.66
N SER A 105 -14.02 2.95 -5.14
CA SER A 105 -14.62 2.22 -4.02
C SER A 105 -13.50 1.56 -3.24
N LEU A 106 -13.81 1.11 -2.01
CA LEU A 106 -12.88 0.32 -1.22
C LEU A 106 -13.22 -1.17 -1.26
N HIS A 107 -14.14 -1.55 -2.15
CA HIS A 107 -14.59 -2.93 -2.31
C HIS A 107 -14.86 -3.19 -3.78
N GLY A 108 -14.77 -4.45 -4.19
CA GLY A 108 -15.16 -4.81 -5.55
C GLY A 108 -14.17 -4.38 -6.63
N PRO A 109 -14.61 -4.42 -7.89
CA PRO A 109 -13.78 -4.20 -9.08
C PRO A 109 -13.19 -2.79 -9.16
N ASN A 110 -13.90 -1.80 -8.61
CA ASN A 110 -13.39 -0.43 -8.59
C ASN A 110 -12.62 -0.11 -7.31
N SER A 111 -12.29 -1.15 -6.53
CA SER A 111 -11.59 -0.95 -5.28
C SER A 111 -10.21 -0.38 -5.53
N ILE A 112 -9.82 0.59 -4.71
CA ILE A 112 -8.53 1.24 -4.88
C ILE A 112 -7.54 0.76 -3.83
N ILE A 113 -7.96 -0.20 -3.01
CA ILE A 113 -7.05 -0.79 -2.03
C ILE A 113 -5.86 -1.42 -2.77
N GLY A 114 -4.65 -1.09 -2.32
CA GLY A 114 -3.44 -1.64 -2.93
C GLY A 114 -2.99 -0.94 -4.20
N ARG A 115 -3.67 0.16 -4.54
CA ARG A 115 -3.28 0.97 -5.68
C ARG A 115 -2.54 2.23 -5.20
N THR A 116 -2.22 3.17 -6.08
CA THR A 116 -1.38 4.28 -5.69
C THR A 116 -2.03 5.63 -5.89
N LEU A 117 -2.04 6.46 -4.86
CA LEU A 117 -2.45 7.86 -5.00
C LEU A 117 -1.27 8.73 -5.44
N VAL A 118 -1.46 9.49 -6.51
CA VAL A 118 -0.37 10.32 -7.04
C VAL A 118 -0.76 11.78 -7.07
N VAL A 119 0.20 12.63 -6.67
CA VAL A 119 0.05 14.07 -6.76
C VAL A 119 0.99 14.55 -7.87
N HIS A 120 0.52 15.49 -8.69
CA HIS A 120 1.28 15.90 -9.86
C HIS A 120 1.81 17.33 -9.71
N ALA A 121 2.72 17.72 -10.59
CA ALA A 121 3.36 19.03 -10.49
C ALA A 121 2.46 20.12 -11.06
N ASP A 122 1.69 19.78 -12.09
CA ASP A 122 0.90 20.78 -12.81
C ASP A 122 -0.59 20.50 -12.67
N PRO A 123 -1.42 21.44 -13.14
CA PRO A 123 -2.86 21.27 -13.07
C PRO A 123 -3.32 20.17 -14.01
N ASP A 124 -4.32 19.41 -13.58
CA ASP A 124 -5.03 18.49 -14.44
C ASP A 124 -5.98 19.34 -15.29
N ASP A 125 -5.84 19.28 -16.61
CA ASP A 125 -6.69 20.06 -17.51
C ASP A 125 -8.04 19.41 -17.75
N LEU A 126 -8.30 18.31 -17.06
CA LEU A 126 -9.58 17.63 -17.10
C LEU A 126 -9.90 17.09 -18.50
N GLY A 127 -8.85 16.85 -19.29
CA GLY A 127 -8.99 16.27 -20.62
C GLY A 127 -9.52 17.23 -21.66
N LEU A 128 -9.33 18.53 -21.43
CA LEU A 128 -9.85 19.56 -22.33
C LEU A 128 -8.76 20.29 -23.11
N GLY A 129 -7.60 19.66 -23.25
CA GLY A 129 -6.47 20.26 -23.97
C GLY A 129 -6.45 19.92 -25.45
N GLY A 130 -7.34 19.03 -25.87
CA GLY A 130 -7.45 18.69 -27.29
C GLY A 130 -6.19 18.07 -27.91
N ASN A 131 -5.47 17.29 -27.12
CA ASN A 131 -4.33 16.52 -27.62
C ASN A 131 -4.27 15.15 -26.96
N GLU A 132 -3.32 14.32 -27.39
CA GLU A 132 -3.28 12.95 -26.91
C GLU A 132 -2.97 12.92 -25.41
N LEU A 133 -2.09 13.83 -24.99
CA LEU A 133 -1.73 13.92 -23.59
C LEU A 133 -2.95 14.23 -22.74
N SER A 134 -3.79 15.15 -23.21
CA SER A 134 -4.95 15.55 -22.44
C SER A 134 -5.89 14.38 -22.17
N LYS A 135 -6.05 13.50 -23.16
CA LYS A 135 -6.94 12.35 -23.03
C LYS A 135 -6.34 11.21 -22.22
N THR A 136 -5.08 11.36 -21.83
CA THR A 136 -4.41 10.30 -21.09
C THR A 136 -3.98 10.73 -19.69
N THR A 137 -3.32 11.88 -19.61
CA THR A 137 -2.75 12.36 -18.35
C THR A 137 -3.39 13.64 -17.85
N GLY A 138 -4.17 14.29 -18.71
CA GLY A 138 -4.69 15.62 -18.40
C GLY A 138 -3.57 16.65 -18.36
N ASN A 139 -2.46 16.34 -19.00
CA ASN A 139 -1.29 17.21 -18.99
C ASN A 139 -0.84 17.63 -17.59
N ALA A 140 -1.01 16.74 -16.62
CA ALA A 140 -0.69 17.07 -15.23
C ALA A 140 0.80 17.09 -14.95
N GLY A 141 1.59 16.61 -15.90
CA GLY A 141 3.04 16.67 -15.79
C GLY A 141 3.58 15.67 -14.79
N GLY A 142 4.72 16.00 -14.19
CA GLY A 142 5.45 15.06 -13.35
C GLY A 142 4.77 14.61 -12.08
N ARG A 143 5.11 13.41 -11.62
CA ARG A 143 4.54 12.88 -10.39
C ARG A 143 5.43 13.26 -9.24
N ILE A 144 4.94 14.14 -8.37
CA ILE A 144 5.81 14.75 -7.36
C ILE A 144 5.75 14.02 -6.03
N ALA A 145 4.69 13.22 -5.84
CA ALA A 145 4.57 12.42 -4.63
C ALA A 145 3.55 11.31 -4.84
N CYS A 146 3.65 10.27 -4.04
CA CYS A 146 2.71 9.16 -4.18
C CYS A 146 2.80 8.21 -3.01
N GLY A 147 1.80 7.34 -2.88
CA GLY A 147 1.79 6.33 -1.85
C GLY A 147 0.81 5.23 -2.16
N VAL A 148 1.06 4.06 -1.61
CA VAL A 148 0.12 2.95 -1.76
C VAL A 148 -1.05 3.15 -0.81
N ILE A 149 -2.26 2.92 -1.32
CA ILE A 149 -3.46 3.05 -0.51
C ILE A 149 -3.65 1.77 0.28
N GLY A 150 -3.61 1.88 1.61
CA GLY A 150 -3.67 0.71 2.46
C GLY A 150 -4.85 0.74 3.42
N LEU A 151 -5.24 -0.44 3.89
CA LEU A 151 -6.31 -0.52 4.88
C LEU A 151 -5.91 0.20 6.16
N ALA A 152 -6.85 0.96 6.71
CA ALA A 152 -6.57 1.76 7.89
C ALA A 152 -7.48 1.31 9.04
N LYS A 153 -7.13 1.73 10.25
CA LYS A 153 -7.88 1.38 11.44
C LYS A 153 -9.33 1.87 11.36
N ILE A 154 -10.25 0.95 11.63
CA ILE A 154 -11.70 1.19 11.62
C ILE A 154 -12.29 1.35 10.21
N MET B 1 -8.03 -15.56 -12.08
CA MET B 1 -6.78 -15.37 -12.87
C MET B 1 -5.59 -15.10 -11.95
N PRO B 2 -4.37 -15.22 -12.49
CA PRO B 2 -3.13 -15.07 -11.73
C PRO B 2 -2.95 -13.66 -11.18
N ALA B 3 -2.45 -13.57 -9.96
CA ALA B 3 -2.34 -12.29 -9.28
C ALA B 3 -0.91 -12.02 -8.83
N LYS B 4 -0.54 -10.75 -8.74
CA LYS B 4 0.79 -10.37 -8.32
C LYS B 4 0.69 -9.13 -7.45
N ALA B 5 1.56 -9.05 -6.44
CA ALA B 5 1.63 -7.87 -5.61
C ALA B 5 3.09 -7.58 -5.28
N VAL B 6 3.38 -6.42 -4.73
CA VAL B 6 4.76 -6.07 -4.44
C VAL B 6 4.81 -5.17 -3.23
N CYS B 7 5.93 -5.20 -2.51
CA CYS B 7 6.08 -4.36 -1.32
C CYS B 7 7.52 -3.88 -1.32
N VAL B 8 7.69 -2.57 -1.18
CA VAL B 8 9.01 -2.00 -1.07
C VAL B 8 9.23 -1.65 0.40
N LEU B 9 10.25 -2.29 0.98
CA LEU B 9 10.61 -2.08 2.36
C LEU B 9 11.54 -0.90 2.53
N ARG B 10 11.18 -0.01 3.44
CA ARG B 10 11.99 1.15 3.77
C ARG B 10 12.19 1.20 5.28
N GLY B 11 13.32 1.76 5.68
CA GLY B 11 13.67 1.87 7.09
C GLY B 11 15.14 1.66 7.32
N ASP B 12 15.47 0.97 8.41
CA ASP B 12 16.86 0.67 8.75
C ASP B 12 17.50 -0.22 7.70
N VAL B 13 16.67 -1.03 7.04
CA VAL B 13 17.11 -1.86 5.95
C VAL B 13 16.10 -1.70 4.83
N SER B 14 16.43 -2.21 3.65
CA SER B 14 15.58 -2.04 2.50
C SER B 14 15.44 -3.34 1.72
N GLY B 15 14.52 -3.34 0.76
CA GLY B 15 14.34 -4.53 -0.04
C GLY B 15 13.07 -4.46 -0.84
N THR B 16 12.92 -5.41 -1.74
CA THR B 16 11.71 -5.50 -2.54
C THR B 16 11.21 -6.92 -2.45
N VAL B 17 9.94 -7.07 -2.11
CA VAL B 17 9.36 -8.39 -1.95
C VAL B 17 8.15 -8.58 -2.86
N PHE B 18 8.19 -9.64 -3.65
CA PHE B 18 7.10 -9.95 -4.56
C PHE B 18 6.22 -11.08 -4.05
N PHE B 19 4.95 -11.03 -4.45
CA PHE B 19 3.97 -12.03 -4.09
C PHE B 19 3.26 -12.50 -5.34
N ASP B 20 3.22 -13.82 -5.55
CA ASP B 20 2.57 -14.39 -6.74
C ASP B 20 1.57 -15.45 -6.36
N GLN B 21 0.40 -15.41 -6.98
CA GLN B 21 -0.63 -16.41 -6.73
C GLN B 21 -1.29 -16.76 -8.06
N GLN B 22 -1.27 -18.05 -8.39
CA GLN B 22 -1.80 -18.50 -9.67
C GLN B 22 -3.33 -18.54 -9.62
N ASP B 23 -3.85 -19.10 -8.55
CA ASP B 23 -5.30 -19.23 -8.38
C ASP B 23 -5.77 -18.75 -7.02
N GLU B 24 -7.01 -18.29 -6.96
CA GLU B 24 -7.59 -17.86 -5.70
C GLU B 24 -7.41 -18.95 -4.64
N LYS B 25 -7.26 -20.19 -5.09
CA LYS B 25 -7.16 -21.30 -4.16
C LYS B 25 -5.73 -21.83 -3.95
N SER B 26 -4.77 -21.31 -4.70
CA SER B 26 -3.39 -21.78 -4.51
C SER B 26 -2.66 -20.92 -3.48
N PRO B 27 -1.56 -21.44 -2.93
CA PRO B 27 -0.75 -20.73 -1.96
C PRO B 27 -0.11 -19.52 -2.62
N VAL B 28 0.39 -18.60 -1.81
CA VAL B 28 1.10 -17.43 -2.27
C VAL B 28 2.60 -17.67 -2.21
N VAL B 29 3.28 -17.41 -3.33
CA VAL B 29 4.73 -17.53 -3.37
C VAL B 29 5.34 -16.14 -3.17
N VAL B 30 6.23 -16.05 -2.20
CA VAL B 30 6.85 -14.77 -1.82
C VAL B 30 8.33 -14.83 -2.16
N SER B 31 8.78 -13.90 -3.00
CA SER B 31 10.17 -13.83 -3.41
C SER B 31 10.68 -12.40 -3.27
N GLY B 32 11.98 -12.21 -3.45
CA GLY B 32 12.57 -10.90 -3.34
C GLY B 32 13.79 -10.97 -2.46
N GLU B 33 14.11 -9.85 -1.82
CA GLU B 33 15.28 -9.83 -0.97
C GLU B 33 15.29 -8.61 -0.08
N VAL B 34 16.10 -8.70 0.97
CA VAL B 34 16.22 -7.62 1.94
C VAL B 34 17.70 -7.34 2.15
N GLN B 35 18.09 -6.07 2.06
CA GLN B 35 19.49 -5.69 2.13
C GLN B 35 19.84 -5.04 3.47
N GLY B 36 20.94 -5.48 4.06
CA GLY B 36 21.50 -4.79 5.22
C GLY B 36 21.25 -5.40 6.58
N LEU B 37 20.56 -6.53 6.64
CA LEU B 37 20.24 -7.19 7.90
C LEU B 37 21.49 -7.62 8.63
N THR B 38 21.47 -7.52 9.96
CA THR B 38 22.52 -8.10 10.77
C THR B 38 22.40 -9.62 10.76
N LYS B 39 23.52 -10.32 10.85
CA LYS B 39 23.50 -11.78 10.89
C LYS B 39 22.48 -12.28 11.90
N GLY B 40 21.72 -13.32 11.54
CA GLY B 40 20.74 -13.89 12.46
C GLY B 40 19.32 -13.84 11.96
N LYS B 41 18.39 -14.36 12.78
CA LYS B 41 16.99 -14.40 12.40
C LYS B 41 16.32 -13.07 12.68
N HIS B 42 15.41 -12.68 11.79
CA HIS B 42 14.62 -11.46 11.92
C HIS B 42 13.15 -11.75 11.66
N GLY B 43 12.29 -11.35 12.60
CA GLY B 43 10.86 -11.58 12.46
C GLY B 43 10.33 -10.94 11.19
N PHE B 44 9.29 -11.55 10.62
CA PHE B 44 8.80 -11.19 9.28
C PHE B 44 7.30 -11.50 9.22
N HIS B 45 6.47 -10.45 9.21
CA HIS B 45 5.04 -10.67 9.27
C HIS B 45 4.32 -9.64 8.41
N VAL B 46 3.14 -10.02 7.96
CA VAL B 46 2.14 -9.09 7.43
C VAL B 46 1.33 -8.55 8.60
N HIS B 47 1.29 -7.22 8.74
CA HIS B 47 0.51 -6.58 9.79
C HIS B 47 -0.81 -6.09 9.21
N GLU B 48 -1.77 -5.74 10.06
CA GLU B 48 -3.14 -5.58 9.60
C GLU B 48 -3.38 -4.33 8.77
N PHE B 49 -2.74 -3.22 9.13
CA PHE B 49 -3.00 -1.96 8.42
C PHE B 49 -1.87 -1.55 7.51
N GLY B 50 -2.26 -1.02 6.36
CA GLY B 50 -1.30 -0.47 5.41
C GLY B 50 -1.19 1.00 5.71
N ASP B 51 -0.97 1.28 6.99
CA ASP B 51 -1.05 2.65 7.52
C ASP B 51 0.34 3.08 8.00
N ASN B 52 0.95 4.00 7.26
CA ASN B 52 2.29 4.52 7.59
C ASN B 52 2.30 5.88 8.30
N THR B 53 1.17 6.25 8.90
CA THR B 53 1.04 7.61 9.47
C THR B 53 1.98 7.84 10.65
N ASN B 54 2.33 6.76 11.33
CA ASN B 54 3.26 6.82 12.43
C ASN B 54 4.42 5.85 12.24
N GLY B 55 5.04 5.89 11.06
CA GLY B 55 6.07 4.92 10.73
C GLY B 55 5.48 3.52 10.77
N CYS B 56 6.34 2.53 11.03
CA CYS B 56 5.87 1.14 11.01
C CYS B 56 4.96 0.83 12.19
N THR B 57 4.96 1.71 13.18
CA THR B 57 4.12 1.52 14.37
C THR B 57 2.63 1.47 14.06
N SER B 58 2.19 2.30 13.11
CA SER B 58 0.77 2.41 12.80
C SER B 58 0.27 1.26 11.93
N ALA B 59 1.16 0.33 11.58
CA ALA B 59 0.75 -0.85 10.82
C ALA B 59 -0.05 -1.79 11.72
N GLY B 60 -0.03 -1.50 13.02
CA GLY B 60 -0.84 -2.24 13.96
C GLY B 60 -0.25 -3.60 14.24
N ALA B 61 -1.10 -4.53 14.65
CA ALA B 61 -0.64 -5.86 15.05
C ALA B 61 -0.56 -6.77 13.85
N HIS B 62 -0.20 -8.04 14.07
CA HIS B 62 -0.10 -8.99 12.97
C HIS B 62 -1.48 -9.27 12.37
N PHE B 63 -1.55 -9.38 11.04
CA PHE B 63 -2.83 -9.64 10.34
C PHE B 63 -3.48 -10.91 10.88
N ASN B 64 -4.70 -10.78 11.39
CA ASN B 64 -5.28 -11.86 12.19
C ASN B 64 -6.81 -12.01 12.01
N PRO B 65 -7.25 -12.25 10.78
CA PRO B 65 -8.69 -12.35 10.50
C PRO B 65 -9.33 -13.56 11.20
N GLU B 66 -8.54 -14.57 11.53
CA GLU B 66 -9.06 -15.78 12.17
C GLU B 66 -9.01 -15.71 13.72
N LYS B 67 -8.63 -14.54 14.25
CA LYS B 67 -8.66 -14.30 15.70
C LYS B 67 -7.84 -15.30 16.54
N GLN B 68 -6.62 -15.61 16.08
CA GLN B 68 -5.76 -16.58 16.75
C GLN B 68 -4.62 -15.91 17.49
N ASP B 69 -3.85 -16.71 18.23
CA ASP B 69 -2.62 -16.24 18.85
C ASP B 69 -1.43 -16.38 17.89
N HIS B 70 -0.31 -15.78 18.28
CA HIS B 70 0.89 -15.77 17.46
C HIS B 70 1.57 -17.13 17.38
N GLY B 71 2.03 -17.48 16.19
CA GLY B 71 2.87 -18.68 16.05
C GLY B 71 3.78 -18.51 14.85
N GLY B 72 4.48 -19.57 14.47
CA GLY B 72 5.24 -19.56 13.21
C GLY B 72 4.34 -19.92 12.05
N PRO B 73 4.85 -19.82 10.81
CA PRO B 73 4.01 -20.16 9.67
C PRO B 73 3.52 -21.62 9.70
N SER B 74 4.24 -22.49 10.40
CA SER B 74 3.80 -23.90 10.49
C SER B 74 3.03 -24.24 11.75
N SER B 75 2.81 -23.26 12.63
CA SER B 75 2.06 -23.49 13.87
C SER B 75 0.57 -23.72 13.61
N ALA B 76 -0.02 -24.66 14.34
CA ALA B 76 -1.44 -24.91 14.21
C ALA B 76 -2.24 -23.66 14.62
N VAL B 77 -1.69 -22.91 15.56
CA VAL B 77 -2.30 -21.66 16.01
C VAL B 77 -1.35 -20.53 15.63
N ARG B 78 -1.79 -19.73 14.66
CA ARG B 78 -0.96 -18.61 14.19
C ARG B 78 -1.84 -17.52 13.63
N HIS B 79 -1.25 -16.35 13.41
CA HIS B 79 -1.91 -15.28 12.70
C HIS B 79 -1.72 -15.56 11.21
N VAL B 80 -2.68 -15.17 10.39
CA VAL B 80 -2.51 -15.28 8.95
C VAL B 80 -1.21 -14.58 8.52
N GLY B 81 -0.90 -13.47 9.18
CA GLY B 81 0.29 -12.69 8.80
C GLY B 81 1.61 -13.29 9.21
N ASP B 82 1.58 -14.41 9.93
CA ASP B 82 2.80 -14.94 10.52
C ASP B 82 3.66 -15.68 9.53
N LEU B 83 4.73 -15.03 9.09
CA LEU B 83 5.61 -15.62 8.09
C LEU B 83 6.98 -15.98 8.67
N GLY B 84 7.06 -15.99 10.00
CA GLY B 84 8.25 -16.52 10.68
C GLY B 84 9.46 -15.60 10.67
N ASN B 85 10.61 -16.13 10.27
CA ASN B 85 11.85 -15.36 10.24
C ASN B 85 12.47 -15.37 8.87
N ILE B 86 13.12 -14.26 8.54
CA ILE B 86 14.13 -14.30 7.48
C ILE B 86 15.51 -14.32 8.12
N GLU B 87 16.40 -15.15 7.59
CA GLU B 87 17.71 -15.29 8.21
C GLU B 87 18.85 -14.76 7.33
N ALA B 88 19.57 -13.80 7.87
CA ALA B 88 20.75 -13.26 7.20
C ALA B 88 21.92 -14.16 7.52
N ILE B 89 22.58 -14.65 6.48
CA ILE B 89 23.71 -15.53 6.71
C ILE B 89 24.95 -14.75 7.10
N GLU B 90 24.98 -13.47 6.74
CA GLU B 90 26.10 -12.59 7.08
C GLU B 90 25.60 -11.19 7.46
N ASP B 91 26.48 -10.39 8.04
CA ASP B 91 26.16 -8.99 8.28
C ASP B 91 26.20 -8.22 6.96
N ALA B 92 25.29 -7.26 6.82
CA ALA B 92 25.35 -6.30 5.72
C ALA B 92 25.33 -6.95 4.34
N GLY B 93 24.57 -8.04 4.21
CA GLY B 93 24.46 -8.70 2.93
C GLY B 93 23.10 -8.51 2.33
N VAL B 94 22.78 -9.35 1.35
CA VAL B 94 21.45 -9.38 0.81
C VAL B 94 20.83 -10.74 1.10
N THR B 95 19.69 -10.72 1.77
CA THR B 95 19.03 -11.97 2.16
C THR B 95 17.90 -12.31 1.20
N LYS B 96 17.95 -13.52 0.65
CA LYS B 96 16.94 -13.92 -0.30
C LYS B 96 15.69 -14.25 0.49
N VAL B 97 14.55 -13.84 -0.02
CA VAL B 97 13.26 -14.23 0.56
C VAL B 97 12.65 -15.25 -0.38
N SER B 98 12.28 -16.41 0.15
CA SER B 98 11.75 -17.48 -0.65
C SER B 98 10.77 -18.26 0.21
N ILE B 99 9.49 -17.91 0.12
CA ILE B 99 8.47 -18.45 1.00
C ILE B 99 7.25 -18.85 0.19
N GLN B 100 6.56 -19.89 0.66
CA GLN B 100 5.26 -20.22 0.12
C GLN B 100 4.33 -20.43 1.31
N ASP B 101 3.15 -19.81 1.25
CA ASP B 101 2.20 -19.91 2.37
C ASP B 101 0.78 -20.06 1.82
N SER B 102 -0.04 -20.88 2.48
CA SER B 102 -1.40 -21.12 2.01
C SER B 102 -2.46 -20.36 2.79
N GLN B 103 -2.07 -19.71 3.88
CA GLN B 103 -3.03 -18.94 4.67
C GLN B 103 -3.20 -17.57 4.06
N ILE B 104 -2.10 -16.86 3.85
CA ILE B 104 -2.20 -15.58 3.14
C ILE B 104 -2.75 -15.79 1.73
N SER B 105 -3.39 -14.76 1.20
CA SER B 105 -3.94 -14.80 -0.14
C SER B 105 -3.83 -13.40 -0.73
N LEU B 106 -4.02 -13.27 -2.04
CA LEU B 106 -4.11 -11.97 -2.69
C LEU B 106 -5.56 -11.66 -3.03
N HIS B 107 -6.45 -12.54 -2.58
CA HIS B 107 -7.89 -12.37 -2.75
C HIS B 107 -8.63 -12.80 -1.48
N GLY B 108 -9.84 -12.28 -1.28
CA GLY B 108 -10.72 -12.83 -0.25
C GLY B 108 -10.45 -12.37 1.16
N PRO B 109 -11.14 -12.97 2.13
CA PRO B 109 -11.00 -12.73 3.56
C PRO B 109 -9.55 -12.58 4.01
N ASN B 110 -8.68 -13.43 3.47
CA ASN B 110 -7.28 -13.46 3.91
C ASN B 110 -6.35 -12.64 3.01
N SER B 111 -6.92 -11.82 2.13
CA SER B 111 -6.09 -11.02 1.23
C SER B 111 -5.20 -10.05 2.00
N ILE B 112 -3.92 -10.01 1.63
CA ILE B 112 -2.96 -9.13 2.27
C ILE B 112 -2.74 -7.83 1.48
N ILE B 113 -3.45 -7.68 0.37
CA ILE B 113 -3.35 -6.46 -0.42
C ILE B 113 -3.75 -5.27 0.46
N GLY B 114 -2.96 -4.19 0.40
CA GLY B 114 -3.25 -3.01 1.21
C GLY B 114 -2.84 -3.13 2.67
N ARG B 115 -2.16 -4.22 3.02
CA ARG B 115 -1.63 -4.36 4.37
C ARG B 115 -0.12 -4.13 4.38
N THR B 116 0.52 -4.23 5.54
CA THR B 116 1.94 -3.88 5.66
C THR B 116 2.84 -5.08 5.96
N LEU B 117 3.94 -5.18 5.22
CA LEU B 117 4.98 -6.16 5.52
C LEU B 117 6.02 -5.49 6.42
N VAL B 118 6.40 -6.18 7.50
CA VAL B 118 7.32 -5.65 8.50
C VAL B 118 8.44 -6.64 8.73
N VAL B 119 9.66 -6.11 8.76
CA VAL B 119 10.84 -6.85 9.18
C VAL B 119 11.23 -6.35 10.56
N HIS B 120 11.62 -7.26 11.43
CA HIS B 120 11.94 -6.90 12.81
C HIS B 120 13.44 -7.01 13.14
N ALA B 121 13.81 -6.43 14.27
CA ALA B 121 15.18 -6.37 14.73
C ALA B 121 15.63 -7.71 15.29
N ASP B 122 14.70 -8.41 15.92
CA ASP B 122 15.04 -9.66 16.62
C ASP B 122 14.30 -10.86 16.07
N PRO B 123 14.73 -12.06 16.49
CA PRO B 123 14.10 -13.27 16.00
C PRO B 123 12.68 -13.44 16.52
N ASP B 124 11.83 -14.00 15.68
CA ASP B 124 10.47 -14.34 16.07
C ASP B 124 10.56 -15.70 16.77
N ASP B 125 10.06 -15.82 17.99
CA ASP B 125 10.20 -17.09 18.72
C ASP B 125 9.09 -18.07 18.36
N LEU B 126 8.24 -17.65 17.44
CA LEU B 126 7.19 -18.51 16.90
C LEU B 126 6.22 -18.94 17.98
N GLY B 127 6.07 -18.11 19.01
CA GLY B 127 5.11 -18.36 20.06
C GLY B 127 5.48 -19.58 20.86
N LEU B 128 6.77 -19.72 21.13
CA LEU B 128 7.30 -20.78 21.99
C LEU B 128 8.20 -20.14 23.01
N GLY B 129 7.92 -18.86 23.26
CA GLY B 129 8.58 -18.07 24.30
C GLY B 129 7.85 -18.22 25.62
N GLY B 130 8.54 -17.95 26.70
CA GLY B 130 7.92 -18.09 27.99
C GLY B 130 7.48 -16.75 28.54
N ASN B 131 6.77 -15.97 27.73
CA ASN B 131 6.13 -14.77 28.24
C ASN B 131 4.91 -14.35 27.43
N GLU B 132 4.23 -13.31 27.89
CA GLU B 132 3.01 -12.86 27.22
C GLU B 132 3.28 -12.34 25.81
N LEU B 133 4.43 -11.69 25.62
CA LEU B 133 4.76 -11.13 24.29
C LEU B 133 4.93 -12.21 23.24
N SER B 134 5.29 -13.41 23.67
CA SER B 134 5.52 -14.49 22.73
C SER B 134 4.26 -14.84 21.97
N LYS B 135 3.14 -14.89 22.68
CA LYS B 135 1.86 -15.31 22.10
C LYS B 135 1.18 -14.20 21.31
N THR B 136 1.83 -13.04 21.25
CA THR B 136 1.27 -11.89 20.53
C THR B 136 2.22 -11.38 19.44
N THR B 137 3.48 -11.13 19.78
CA THR B 137 4.42 -10.60 18.82
C THR B 137 5.53 -11.57 18.47
N GLY B 138 5.62 -12.66 19.20
CA GLY B 138 6.79 -13.54 19.08
C GLY B 138 8.08 -12.95 19.59
N ASN B 139 8.00 -11.86 20.35
CA ASN B 139 9.19 -11.20 20.88
C ASN B 139 10.16 -10.68 19.80
N ALA B 140 9.62 -10.41 18.62
CA ALA B 140 10.44 -9.98 17.49
C ALA B 140 10.98 -8.55 17.66
N GLY B 141 10.44 -7.83 18.63
CA GLY B 141 11.02 -6.52 18.98
C GLY B 141 10.82 -5.47 17.92
N GLY B 142 11.81 -4.59 17.76
CA GLY B 142 11.68 -3.39 16.92
C GLY B 142 11.29 -3.62 15.46
N ARG B 143 10.50 -2.71 14.91
CA ARG B 143 10.16 -2.76 13.48
C ARG B 143 11.18 -1.96 12.70
N ILE B 144 12.11 -2.65 12.04
CA ILE B 144 13.23 -1.97 11.39
C ILE B 144 12.99 -1.59 9.93
N ALA B 145 11.99 -2.20 9.31
CA ALA B 145 11.61 -1.78 7.96
C ALA B 145 10.18 -2.20 7.67
N CYS B 146 9.50 -1.46 6.80
CA CYS B 146 8.16 -1.87 6.41
C CYS B 146 7.77 -1.26 5.08
N GLY B 147 6.71 -1.77 4.49
CA GLY B 147 6.15 -1.21 3.27
C GLY B 147 4.71 -1.69 3.11
N VAL B 148 3.92 -0.97 2.33
CA VAL B 148 2.54 -1.40 2.07
C VAL B 148 2.51 -2.36 0.88
N ILE B 149 1.70 -3.40 0.98
CA ILE B 149 1.60 -4.41 -0.07
C ILE B 149 0.64 -3.90 -1.16
N GLY B 150 1.16 -3.77 -2.37
CA GLY B 150 0.37 -3.17 -3.44
C GLY B 150 0.23 -4.07 -4.66
N LEU B 151 -0.83 -3.85 -5.41
CA LEU B 151 -1.05 -4.61 -6.63
C LEU B 151 0.07 -4.32 -7.61
N ALA B 152 0.52 -5.36 -8.32
CA ALA B 152 1.61 -5.21 -9.27
C ALA B 152 1.21 -5.74 -10.63
N LYS B 153 1.95 -5.32 -11.64
CA LYS B 153 1.63 -5.65 -13.02
C LYS B 153 1.93 -7.10 -13.35
N ILE B 154 1.00 -7.72 -14.06
CA ILE B 154 1.06 -9.13 -14.45
C ILE B 154 2.42 -9.49 -15.01
ZN ZN C . -7.19 9.95 -15.90
CU CU D . -1.88 10.90 -11.79
ZN ZN E . 1.73 -13.16 14.78
CU CU F . 5.79 -8.04 12.52
#